data_3NRH
#
_entry.id   3NRH
#
_cell.length_a   67.442
_cell.length_b   67.442
_cell.length_c   157.063
_cell.angle_alpha   90.000
_cell.angle_beta   90.000
_cell.angle_gamma   90.000
#
_symmetry.space_group_name_H-M   'P 43 21 2'
#
loop_
_entity.id
_entity.type
_entity.pdbx_description
1 polymer 'uncharacterized protein BF1032'
2 water water
#
_entity_poly.entity_id   1
_entity_poly.type   'polypeptide(L)'
_entity_poly.pdbx_seq_one_letter_code
;(MSE)KKESQVIFDKNVIEFVTVAAEFCAFLERAES(MSE)KRSTFVDTTLKILPLLYLKAS(MSE)LPKCE(MSE)IGD
ESPETYVTEEIYEVLRINLASILAEKDDYLEVFLPD(MSE)AYSDEPIKKNISEDLADIYQDIKDFIFVFQLGLNET
(MSE)NDSLAICQENFGLLWGQKLVNT(MSE)RALHDVKYSPKARLEHHHHHH
;
_entity_poly.pdbx_strand_id   A,B
#
# COMPACT_ATOMS: atom_id res chain seq x y z
N GLN A 6 16.86 -14.99 7.75
CA GLN A 6 18.33 -14.90 7.49
C GLN A 6 18.70 -13.52 6.93
N VAL A 7 18.69 -13.40 5.61
CA VAL A 7 19.01 -12.13 4.96
C VAL A 7 17.91 -11.11 5.17
N ILE A 8 16.69 -11.58 5.43
CA ILE A 8 15.56 -10.69 5.64
C ILE A 8 15.74 -9.79 6.84
N PHE A 9 16.78 -10.04 7.64
CA PHE A 9 17.05 -9.22 8.81
C PHE A 9 18.24 -8.30 8.52
N ASP A 10 18.83 -8.46 7.34
CA ASP A 10 19.97 -7.65 6.93
C ASP A 10 19.67 -6.16 7.04
N LYS A 11 20.64 -5.39 7.53
CA LYS A 11 20.48 -3.95 7.70
C LYS A 11 20.15 -3.26 6.38
N ASN A 12 20.73 -3.77 5.30
CA ASN A 12 20.50 -3.21 3.97
C ASN A 12 19.10 -3.55 3.48
N VAL A 13 18.60 -4.70 3.90
CA VAL A 13 17.26 -5.12 3.49
C VAL A 13 16.24 -4.17 4.14
N ILE A 14 16.41 -3.90 5.42
CA ILE A 14 15.50 -3.01 6.15
C ILE A 14 15.41 -1.63 5.51
N GLU A 15 16.55 -1.03 5.19
CA GLU A 15 16.55 0.29 4.57
C GLU A 15 15.90 0.24 3.20
N PHE A 16 16.06 -0.87 2.48
CA PHE A 16 15.44 -1.00 1.16
C PHE A 16 13.92 -1.04 1.34
N VAL A 17 13.45 -1.81 2.31
CA VAL A 17 12.02 -1.92 2.57
C VAL A 17 11.44 -0.53 2.84
N THR A 18 12.13 0.27 3.65
CA THR A 18 11.68 1.61 3.97
C THR A 18 11.50 2.51 2.74
N VAL A 19 12.50 2.57 1.87
CA VAL A 19 12.37 3.42 0.68
C VAL A 19 11.37 2.82 -0.30
N ALA A 20 11.31 1.49 -0.37
CA ALA A 20 10.37 0.82 -1.28
C ALA A 20 8.93 1.19 -0.89
N ALA A 21 8.65 1.19 0.41
CA ALA A 21 7.31 1.53 0.88
C ALA A 21 7.02 3.00 0.61
N GLU A 22 8.02 3.86 0.82
CA GLU A 22 7.84 5.29 0.57
C GLU A 22 7.54 5.52 -0.91
N PHE A 23 8.24 4.77 -1.76
CA PHE A 23 8.06 4.87 -3.21
C PHE A 23 6.65 4.45 -3.61
N CYS A 24 6.22 3.28 -3.14
CA CYS A 24 4.88 2.81 -3.48
C CYS A 24 3.81 3.74 -2.95
N ALA A 25 3.99 4.23 -1.72
CA ALA A 25 3.01 5.14 -1.13
C ALA A 25 2.92 6.45 -1.91
N PHE A 26 4.07 6.95 -2.35
CA PHE A 26 4.11 8.20 -3.11
C PHE A 26 3.30 8.08 -4.40
N LEU A 27 3.54 7.03 -5.17
CA LEU A 27 2.82 6.84 -6.42
C LEU A 27 1.33 6.60 -6.19
N GLU A 28 1.01 5.90 -5.10
CA GLU A 28 -0.37 5.62 -4.78
C GLU A 28 -1.16 6.87 -4.40
N ARG A 29 -0.45 7.91 -3.95
CA ARG A 29 -1.09 9.16 -3.56
C ARG A 29 -0.95 10.24 -4.62
N ALA A 30 -0.60 9.83 -5.84
CA ALA A 30 -0.40 10.74 -6.97
C ALA A 30 -1.54 11.72 -7.26
N GLU A 31 -2.79 11.25 -7.18
CA GLU A 31 -3.92 12.13 -7.47
C GLU A 31 -4.04 13.26 -6.44
N SER A 32 -3.18 13.24 -5.43
CA SER A 32 -3.23 14.25 -4.38
C SER A 32 -2.11 15.29 -4.44
N LYS A 34 0.33 18.31 -7.25
CA LYS A 34 0.59 19.00 -8.50
C LYS A 34 1.79 18.35 -9.20
N ARG A 35 1.93 18.59 -10.49
CA ARG A 35 3.03 18.02 -11.25
C ARG A 35 4.41 18.43 -10.73
N SER A 36 4.55 19.69 -10.34
CA SER A 36 5.84 20.17 -9.83
C SER A 36 6.29 19.37 -8.62
N THR A 37 5.35 19.16 -7.69
CA THR A 37 5.64 18.40 -6.48
C THR A 37 5.94 16.95 -6.82
N PHE A 38 5.19 16.39 -7.77
CA PHE A 38 5.38 15.01 -8.19
C PHE A 38 6.78 14.82 -8.78
N VAL A 39 7.14 15.67 -9.72
CA VAL A 39 8.44 15.57 -10.37
C VAL A 39 9.60 15.77 -9.40
N ASP A 40 9.54 16.81 -8.58
CA ASP A 40 10.61 17.09 -7.62
C ASP A 40 10.85 15.93 -6.65
N THR A 41 9.77 15.36 -6.13
CA THR A 41 9.88 14.27 -5.17
C THR A 41 10.35 12.96 -5.78
N THR A 42 9.88 12.64 -6.98
CA THR A 42 10.27 11.41 -7.63
C THR A 42 11.77 11.42 -7.94
N LEU A 43 12.31 12.60 -8.22
CA LEU A 43 13.74 12.71 -8.52
C LEU A 43 14.58 12.52 -7.26
N LYS A 44 13.94 12.52 -6.10
CA LYS A 44 14.66 12.29 -4.84
C LYS A 44 14.47 10.83 -4.41
N ILE A 45 13.25 10.32 -4.58
CA ILE A 45 12.98 8.94 -4.20
C ILE A 45 13.68 7.91 -5.10
N LEU A 46 13.64 8.13 -6.41
CA LEU A 46 14.27 7.18 -7.33
C LEU A 46 15.75 6.91 -7.10
N PRO A 47 16.58 7.95 -6.94
CA PRO A 47 18.00 7.65 -6.71
C PRO A 47 18.24 6.90 -5.41
N LEU A 48 17.43 7.18 -4.41
CA LEU A 48 17.59 6.49 -3.13
C LEU A 48 17.16 5.03 -3.28
N LEU A 49 16.10 4.80 -4.05
CA LEU A 49 15.61 3.45 -4.28
C LEU A 49 16.66 2.65 -5.04
N TYR A 50 17.29 3.26 -6.03
CA TYR A 50 18.31 2.60 -6.81
C TYR A 50 19.51 2.23 -5.91
N LEU A 51 19.94 3.20 -5.12
CA LEU A 51 21.06 2.99 -4.22
C LEU A 51 20.81 1.86 -3.23
N LYS A 52 19.65 1.86 -2.58
CA LYS A 52 19.33 0.81 -1.62
C LYS A 52 19.22 -0.56 -2.29
N ALA A 53 18.70 -0.60 -3.51
CA ALA A 53 18.58 -1.87 -4.22
C ALA A 53 19.99 -2.39 -4.54
N SER A 54 20.87 -1.47 -4.93
CA SER A 54 22.24 -1.83 -5.28
C SER A 54 23.04 -2.32 -4.08
N LEU A 56 21.74 -4.21 -1.60
CA LEU A 56 21.14 -5.42 -1.04
C LEU A 56 22.13 -6.57 -1.02
N PRO A 57 21.98 -7.48 -0.05
CA PRO A 57 22.88 -8.64 0.03
C PRO A 57 22.43 -9.70 -0.97
N LYS A 58 23.31 -10.68 -1.23
CA LYS A 58 22.99 -11.76 -2.16
C LYS A 58 21.90 -12.65 -1.59
N CYS A 59 20.84 -12.85 -2.37
CA CYS A 59 19.72 -13.68 -1.94
C CYS A 59 19.58 -14.92 -2.82
N GLU A 60 19.15 -16.03 -2.21
CA GLU A 60 18.97 -17.28 -2.93
C GLU A 60 17.52 -17.74 -2.82
N ILE A 62 14.51 -20.18 -2.22
CA ILE A 62 14.29 -21.38 -1.39
C ILE A 62 13.27 -22.18 -2.19
N GLY A 63 12.33 -21.46 -2.80
CA GLY A 63 11.31 -22.11 -3.59
C GLY A 63 10.16 -22.48 -2.68
N ASP A 64 9.69 -23.71 -2.83
CA ASP A 64 8.56 -24.19 -2.08
C ASP A 64 7.41 -23.38 -2.62
N GLU A 65 6.74 -22.74 -1.68
CA GLU A 65 5.55 -21.90 -1.89
C GLU A 65 5.81 -20.56 -2.57
N SER A 66 5.00 -20.27 -3.58
CA SER A 66 5.08 -19.01 -4.32
C SER A 66 4.59 -17.87 -3.45
N PRO A 67 5.28 -16.74 -3.45
CA PRO A 67 4.87 -15.59 -2.64
C PRO A 67 3.55 -15.04 -3.21
N GLU A 68 2.71 -14.48 -2.35
CA GLU A 68 1.44 -13.90 -2.82
C GLU A 68 1.77 -12.71 -3.70
N THR A 69 0.90 -12.42 -4.66
CA THR A 69 1.09 -11.29 -5.56
C THR A 69 0.06 -10.24 -5.19
N TYR A 70 0.39 -8.97 -5.42
CA TYR A 70 -0.54 -7.90 -5.10
C TYR A 70 -1.07 -7.23 -6.35
N VAL A 71 -0.16 -6.80 -7.22
CA VAL A 71 -0.54 -6.08 -8.43
C VAL A 71 -1.33 -6.87 -9.47
N THR A 72 -2.56 -6.40 -9.72
CA THR A 72 -3.46 -7.00 -10.70
C THR A 72 -3.47 -6.06 -11.89
N GLU A 73 -4.09 -6.49 -12.99
CA GLU A 73 -4.16 -5.64 -14.18
C GLU A 73 -4.87 -4.33 -13.86
N GLU A 74 -5.92 -4.39 -13.04
CA GLU A 74 -6.68 -3.21 -12.67
C GLU A 74 -5.84 -2.23 -11.85
N ILE A 75 -5.10 -2.76 -10.88
CA ILE A 75 -4.24 -1.94 -10.03
C ILE A 75 -3.22 -1.24 -10.92
N TYR A 76 -2.61 -2.01 -11.81
CA TYR A 76 -1.59 -1.49 -12.73
C TYR A 76 -2.13 -0.41 -13.66
N GLU A 77 -3.26 -0.70 -14.30
CA GLU A 77 -3.86 0.25 -15.23
C GLU A 77 -4.32 1.56 -14.59
N VAL A 78 -4.95 1.45 -13.43
CA VAL A 78 -5.43 2.64 -12.74
C VAL A 78 -4.25 3.54 -12.37
N LEU A 79 -3.18 2.93 -11.88
CA LEU A 79 -2.00 3.71 -11.49
C LEU A 79 -1.36 4.36 -12.71
N ARG A 80 -1.18 3.59 -13.78
CA ARG A 80 -0.58 4.13 -14.99
C ARG A 80 -1.36 5.33 -15.52
N ILE A 81 -2.67 5.19 -15.58
CA ILE A 81 -3.52 6.27 -16.08
C ILE A 81 -3.43 7.52 -15.20
N ASN A 82 -3.40 7.34 -13.87
CA ASN A 82 -3.31 8.48 -12.98
C ASN A 82 -1.97 9.21 -13.15
N LEU A 83 -0.90 8.44 -13.29
CA LEU A 83 0.41 9.04 -13.47
C LEU A 83 0.46 9.77 -14.81
N ALA A 84 -0.13 9.16 -15.83
CA ALA A 84 -0.15 9.76 -17.15
C ALA A 84 -0.90 11.10 -17.10
N SER A 85 -1.97 11.17 -16.31
CA SER A 85 -2.75 12.39 -16.20
C SER A 85 -1.97 13.51 -15.50
N ILE A 86 -1.18 13.14 -14.50
CA ILE A 86 -0.38 14.11 -13.76
C ILE A 86 0.68 14.73 -14.66
N LEU A 87 1.36 13.87 -15.43
CA LEU A 87 2.43 14.31 -16.33
C LEU A 87 1.93 14.98 -17.61
N ALA A 88 0.76 14.57 -18.09
CA ALA A 88 0.17 15.13 -19.31
C ALA A 88 1.14 15.00 -20.48
N GLU A 89 1.31 16.08 -21.25
CA GLU A 89 2.25 16.06 -22.39
C GLU A 89 3.71 15.71 -22.00
N LYS A 90 4.02 15.80 -20.71
CA LYS A 90 5.37 15.50 -20.16
C LYS A 90 5.64 14.01 -20.05
N ASP A 91 4.59 13.22 -20.15
CA ASP A 91 4.72 11.79 -19.99
C ASP A 91 5.55 11.11 -21.06
N ASP A 92 5.44 11.61 -22.28
CA ASP A 92 6.17 11.04 -23.40
C ASP A 92 7.58 11.58 -23.56
N TYR A 93 8.50 10.67 -23.88
CA TYR A 93 9.88 11.06 -24.13
C TYR A 93 10.50 10.09 -25.12
N LEU A 94 11.43 10.61 -25.92
CA LEU A 94 12.11 9.80 -26.91
C LEU A 94 13.44 9.39 -26.31
N GLU A 95 13.61 8.08 -26.09
CA GLU A 95 14.84 7.57 -25.52
C GLU A 95 14.81 6.04 -25.45
N ILE A 108 13.18 5.51 -29.56
CA ILE A 108 11.88 4.87 -29.35
C ILE A 108 11.04 5.69 -28.38
N LYS A 109 9.73 5.78 -28.65
CA LYS A 109 8.83 6.53 -27.79
C LYS A 109 8.46 5.74 -26.54
N LYS A 110 8.66 6.38 -25.38
CA LYS A 110 8.36 5.77 -24.09
C LYS A 110 7.51 6.71 -23.27
N ASN A 111 6.93 6.19 -22.19
CA ASN A 111 6.10 6.97 -21.30
C ASN A 111 6.57 6.77 -19.87
N ILE A 112 6.81 7.88 -19.18
CA ILE A 112 7.25 7.82 -17.79
C ILE A 112 6.23 7.05 -16.95
N SER A 113 4.94 7.31 -17.19
CA SER A 113 3.89 6.63 -16.45
C SER A 113 3.99 5.11 -16.52
N GLU A 114 4.31 4.59 -17.70
CA GLU A 114 4.42 3.14 -17.87
C GLU A 114 5.65 2.62 -17.14
N ASP A 115 6.76 3.35 -17.24
CA ASP A 115 8.00 2.94 -16.55
C ASP A 115 7.75 2.88 -15.04
N LEU A 116 7.14 3.92 -14.49
CA LEU A 116 6.87 3.96 -13.06
C LEU A 116 5.92 2.84 -12.63
N ALA A 117 4.88 2.60 -13.41
CA ALA A 117 3.93 1.54 -13.08
C ALA A 117 4.63 0.19 -13.13
N ASP A 118 5.54 0.01 -14.08
CA ASP A 118 6.29 -1.25 -14.20
C ASP A 118 7.18 -1.47 -12.99
N ILE A 119 7.89 -0.42 -12.56
CA ILE A 119 8.77 -0.53 -11.40
C ILE A 119 7.90 -0.83 -10.18
N TYR A 120 6.79 -0.13 -10.08
CA TYR A 120 5.83 -0.31 -8.98
C TYR A 120 5.38 -1.77 -8.87
N GLN A 121 5.13 -2.41 -10.01
CA GLN A 121 4.69 -3.79 -9.98
C GLN A 121 5.70 -4.66 -9.21
N ASP A 122 6.97 -4.50 -9.49
CA ASP A 122 7.98 -5.30 -8.79
C ASP A 122 8.15 -4.89 -7.33
N ILE A 123 8.21 -3.59 -7.07
CA ILE A 123 8.40 -3.12 -5.70
C ILE A 123 7.20 -3.41 -4.80
N LYS A 124 5.99 -3.11 -5.29
CA LYS A 124 4.77 -3.34 -4.51
C LYS A 124 4.55 -4.81 -4.17
N ASP A 125 4.79 -5.70 -5.13
CA ASP A 125 4.60 -7.13 -4.89
C ASP A 125 5.53 -7.58 -3.77
N PHE A 126 6.75 -7.05 -3.78
CA PHE A 126 7.73 -7.38 -2.76
C PHE A 126 7.35 -6.92 -1.35
N ILE A 127 7.08 -5.63 -1.18
CA ILE A 127 6.76 -5.13 0.16
C ILE A 127 5.45 -5.65 0.74
N PHE A 128 4.50 -5.98 -0.12
CA PHE A 128 3.22 -6.53 0.37
C PHE A 128 3.52 -7.85 1.06
N VAL A 129 4.21 -8.74 0.35
CA VAL A 129 4.57 -10.05 0.88
C VAL A 129 5.46 -9.94 2.11
N PHE A 130 6.42 -9.02 2.07
CA PHE A 130 7.33 -8.87 3.20
C PHE A 130 6.57 -8.60 4.49
N GLN A 131 5.50 -7.84 4.39
CA GLN A 131 4.71 -7.51 5.58
C GLN A 131 3.81 -8.64 6.08
N LEU A 132 3.60 -9.66 5.25
CA LEU A 132 2.74 -10.78 5.66
C LEU A 132 3.36 -11.65 6.74
N GLY A 133 4.67 -11.49 6.95
CA GLY A 133 5.35 -12.23 8.02
C GLY A 133 5.81 -13.67 7.90
N LEU A 134 5.69 -14.28 6.72
CA LEU A 134 6.13 -15.66 6.56
C LEU A 134 7.57 -15.63 6.04
N ASN A 135 8.51 -16.07 6.88
CA ASN A 135 9.92 -16.06 6.53
C ASN A 135 10.29 -16.56 5.13
N GLU A 136 9.80 -17.73 4.74
CA GLU A 136 10.09 -18.30 3.44
C GLU A 136 9.76 -17.40 2.25
N THR A 137 8.53 -16.90 2.21
CA THR A 137 8.10 -16.05 1.11
C THR A 137 8.66 -14.64 1.23
N ASN A 139 11.69 -14.14 2.10
CA ASN A 139 12.99 -14.33 1.48
C ASN A 139 12.89 -14.46 -0.03
N ASP A 140 11.94 -15.26 -0.50
CA ASP A 140 11.78 -15.46 -1.94
C ASP A 140 11.30 -14.21 -2.67
N SER A 141 10.42 -13.43 -2.04
CA SER A 141 9.94 -12.21 -2.68
C SER A 141 11.11 -11.25 -2.83
N LEU A 142 12.01 -11.24 -1.84
CA LEU A 142 13.19 -10.38 -1.88
C LEU A 142 14.11 -10.83 -3.01
N ALA A 143 14.39 -12.13 -3.07
CA ALA A 143 15.24 -12.68 -4.12
C ALA A 143 14.71 -12.35 -5.51
N ILE A 144 13.40 -12.49 -5.71
CA ILE A 144 12.79 -12.18 -6.99
C ILE A 144 12.94 -10.71 -7.33
N CYS A 145 12.64 -9.84 -6.37
CA CYS A 145 12.76 -8.40 -6.58
C CYS A 145 14.19 -8.02 -6.94
N GLN A 146 15.16 -8.59 -6.22
CA GLN A 146 16.56 -8.30 -6.49
C GLN A 146 16.98 -8.80 -7.88
N GLU A 147 16.51 -9.98 -8.24
CA GLU A 147 16.85 -10.54 -9.55
C GLU A 147 16.28 -9.67 -10.67
N ASN A 148 15.04 -9.23 -10.49
CA ASN A 148 14.39 -8.41 -11.50
C ASN A 148 14.95 -6.98 -11.55
N PHE A 149 15.66 -6.58 -10.50
CA PHE A 149 16.29 -5.26 -10.48
C PHE A 149 17.29 -5.23 -11.64
N GLY A 150 18.12 -6.27 -11.72
CA GLY A 150 19.12 -6.33 -12.77
C GLY A 150 18.55 -6.71 -14.12
N LEU A 151 17.51 -7.54 -14.12
CA LEU A 151 16.88 -7.97 -15.35
C LEU A 151 16.05 -6.91 -16.02
N LEU A 152 15.42 -6.03 -15.24
CA LEU A 152 14.58 -5.02 -15.88
C LEU A 152 14.24 -3.73 -15.14
N TRP A 153 13.79 -3.82 -13.89
CA TRP A 153 13.38 -2.62 -13.16
C TRP A 153 14.48 -1.57 -12.98
N GLY A 154 15.71 -2.01 -12.71
CA GLY A 154 16.80 -1.06 -12.54
C GLY A 154 17.00 -0.16 -13.73
N GLN A 155 16.94 -0.72 -14.94
CA GLN A 155 17.12 0.08 -16.15
C GLN A 155 15.95 1.04 -16.33
N LYS A 156 14.74 0.58 -16.04
CA LYS A 156 13.56 1.43 -16.17
C LYS A 156 13.67 2.62 -15.22
N LEU A 157 14.22 2.37 -14.03
CA LEU A 157 14.39 3.42 -13.03
C LEU A 157 15.35 4.51 -13.54
N VAL A 158 16.52 4.12 -14.03
CA VAL A 158 17.46 5.12 -14.53
C VAL A 158 16.94 5.85 -15.76
N ASN A 159 16.22 5.15 -16.63
CA ASN A 159 15.65 5.78 -17.82
C ASN A 159 14.63 6.83 -17.40
N THR A 160 13.81 6.48 -16.41
CA THR A 160 12.79 7.39 -15.91
C THR A 160 13.41 8.60 -15.24
N ARG A 162 16.21 9.98 -15.99
CA ARG A 162 16.71 10.84 -17.04
C ARG A 162 15.56 11.64 -17.64
N ALA A 163 14.46 10.95 -17.92
CA ALA A 163 13.28 11.60 -18.47
C ALA A 163 12.77 12.69 -17.54
N LEU A 164 12.57 12.33 -16.27
CA LEU A 164 12.08 13.29 -15.27
C LEU A 164 13.04 14.44 -15.05
N HIS A 165 14.34 14.17 -15.12
CA HIS A 165 15.33 15.23 -14.94
C HIS A 165 15.10 16.26 -16.04
N ASP A 166 14.91 15.78 -17.27
CA ASP A 166 14.67 16.67 -18.41
C ASP A 166 13.36 17.45 -18.25
N VAL A 167 12.34 16.81 -17.69
CA VAL A 167 11.07 17.49 -17.49
C VAL A 167 11.27 18.70 -16.57
N LYS A 168 12.06 18.54 -15.53
CA LYS A 168 12.29 19.62 -14.58
C LYS A 168 13.28 20.70 -15.02
N TYR A 169 14.41 20.29 -15.59
CA TYR A 169 15.46 21.23 -15.97
C TYR A 169 15.65 21.64 -17.42
N SER A 170 15.26 20.79 -18.36
CA SER A 170 15.46 21.10 -19.79
C SER A 170 14.83 22.41 -20.23
N PRO A 171 15.52 23.15 -21.11
CA PRO A 171 14.98 24.42 -21.60
C PRO A 171 13.66 24.19 -22.32
N LYS A 172 12.64 24.95 -21.93
CA LYS A 172 11.33 24.80 -22.56
C LYS A 172 11.24 25.68 -23.80
N ALA A 173 10.02 25.80 -24.35
CA ALA A 173 9.79 26.59 -25.55
C ALA A 173 10.50 25.95 -26.74
N ARG A 174 10.57 24.62 -26.72
CA ARG A 174 11.20 23.89 -27.83
C ARG A 174 10.21 23.83 -28.97
N LEU A 175 10.71 23.62 -30.19
CA LEU A 175 9.83 23.55 -31.35
C LEU A 175 8.76 22.48 -31.21
N GLN B 6 9.58 -3.07 22.88
CA GLN B 6 9.43 -4.55 22.96
C GLN B 6 8.07 -4.99 22.44
N VAL B 7 7.04 -4.23 22.78
CA VAL B 7 5.68 -4.55 22.37
C VAL B 7 5.57 -4.76 20.87
N ILE B 8 6.17 -3.87 20.09
CA ILE B 8 6.10 -3.97 18.63
C ILE B 8 6.71 -5.27 18.10
N PHE B 9 7.31 -6.06 18.98
CA PHE B 9 7.91 -7.32 18.55
C PHE B 9 7.10 -8.56 18.98
N ASP B 10 6.07 -8.34 19.79
CA ASP B 10 5.22 -9.43 20.27
C ASP B 10 4.53 -10.21 19.15
N LYS B 11 4.39 -11.52 19.33
CA LYS B 11 3.76 -12.37 18.34
C LYS B 11 2.34 -11.93 17.98
N ASN B 12 1.60 -11.45 18.99
CA ASN B 12 0.24 -10.99 18.75
C ASN B 12 0.21 -9.76 17.84
N VAL B 13 1.21 -8.90 17.99
CA VAL B 13 1.29 -7.71 17.16
C VAL B 13 1.55 -8.12 15.71
N ILE B 14 2.51 -9.02 15.51
CA ILE B 14 2.84 -9.48 14.17
C ILE B 14 1.64 -10.15 13.49
N GLU B 15 0.89 -10.94 14.24
CA GLU B 15 -0.27 -11.61 13.68
C GLU B 15 -1.34 -10.59 13.30
N PHE B 16 -1.46 -9.53 14.11
CA PHE B 16 -2.42 -8.47 13.82
C PHE B 16 -2.02 -7.77 12.52
N VAL B 17 -0.73 -7.44 12.40
CA VAL B 17 -0.23 -6.78 11.19
C VAL B 17 -0.54 -7.62 9.95
N THR B 18 -0.32 -8.92 10.04
CA THR B 18 -0.59 -9.79 8.90
C THR B 18 -2.06 -9.71 8.47
N VAL B 19 -2.97 -9.86 9.43
CA VAL B 19 -4.39 -9.79 9.11
C VAL B 19 -4.79 -8.41 8.60
N ALA B 20 -4.21 -7.36 9.20
CA ALA B 20 -4.48 -5.99 8.79
C ALA B 20 -4.05 -5.78 7.34
N ALA B 21 -2.88 -6.30 6.99
CA ALA B 21 -2.37 -6.17 5.64
C ALA B 21 -3.29 -6.86 4.64
N GLU B 22 -3.78 -8.05 5.00
CA GLU B 22 -4.68 -8.78 4.12
C GLU B 22 -6.00 -8.03 3.99
N PHE B 23 -6.48 -7.46 5.09
CA PHE B 23 -7.73 -6.69 5.07
C PHE B 23 -7.61 -5.51 4.10
N CYS B 24 -6.51 -4.75 4.20
CA CYS B 24 -6.31 -3.59 3.34
C CYS B 24 -6.16 -3.99 1.87
N ALA B 25 -5.40 -5.05 1.63
CA ALA B 25 -5.17 -5.52 0.26
C ALA B 25 -6.50 -5.97 -0.36
N PHE B 26 -7.35 -6.55 0.46
CA PHE B 26 -8.66 -7.02 0.02
C PHE B 26 -9.52 -5.84 -0.47
N LEU B 27 -9.69 -4.82 0.36
CA LEU B 27 -10.51 -3.67 -0.02
C LEU B 27 -9.91 -2.89 -1.20
N GLU B 28 -8.59 -2.77 -1.22
CA GLU B 28 -7.91 -2.03 -2.28
C GLU B 28 -8.08 -2.67 -3.65
N ARG B 29 -8.38 -3.96 -3.67
CA ARG B 29 -8.54 -4.67 -4.93
C ARG B 29 -9.94 -5.25 -5.15
N ALA B 30 -10.92 -4.70 -4.44
CA ALA B 30 -12.30 -5.18 -4.55
C ALA B 30 -13.04 -4.71 -5.80
N GLU B 31 -12.48 -3.72 -6.49
CA GLU B 31 -13.08 -3.17 -7.71
C GLU B 31 -13.83 -4.18 -8.56
N SER B 32 -15.10 -3.90 -8.84
CA SER B 32 -15.93 -4.76 -9.68
C SER B 32 -16.10 -6.20 -9.22
N LYS B 34 -17.89 -9.34 -7.36
CA LYS B 34 -19.30 -9.68 -7.24
C LYS B 34 -19.71 -9.39 -5.80
N ARG B 35 -20.87 -8.76 -5.62
CA ARG B 35 -21.36 -8.41 -4.30
C ARG B 35 -21.38 -9.58 -3.32
N SER B 36 -21.99 -10.70 -3.71
CA SER B 36 -22.07 -11.85 -2.83
C SER B 36 -20.69 -12.30 -2.32
N THR B 37 -19.72 -12.38 -3.23
CA THR B 37 -18.37 -12.79 -2.86
C THR B 37 -17.74 -11.76 -1.91
N PHE B 38 -17.91 -10.47 -2.24
CA PHE B 38 -17.37 -9.39 -1.43
C PHE B 38 -17.92 -9.44 -0.01
N VAL B 39 -19.24 -9.58 0.11
CA VAL B 39 -19.89 -9.64 1.41
C VAL B 39 -19.44 -10.86 2.21
N ASP B 40 -19.43 -12.01 1.55
CA ASP B 40 -19.01 -13.25 2.21
C ASP B 40 -17.58 -13.16 2.75
N THR B 41 -16.68 -12.61 1.94
CA THR B 41 -15.29 -12.51 2.37
C THR B 41 -15.11 -11.48 3.48
N THR B 42 -15.82 -10.36 3.38
CA THR B 42 -15.71 -9.31 4.39
C THR B 42 -16.15 -9.86 5.75
N LEU B 43 -17.22 -10.67 5.75
CA LEU B 43 -17.73 -11.24 6.99
C LEU B 43 -16.77 -12.24 7.65
N LYS B 44 -15.72 -12.64 6.93
CA LYS B 44 -14.73 -13.56 7.47
C LYS B 44 -13.51 -12.78 7.94
N ILE B 45 -13.12 -11.74 7.20
CA ILE B 45 -11.97 -10.96 7.57
C ILE B 45 -12.20 -10.04 8.77
N LEU B 46 -13.37 -9.38 8.82
CA LEU B 46 -13.67 -8.48 9.94
C LEU B 46 -13.61 -9.12 11.32
N PRO B 47 -14.22 -10.32 11.49
CA PRO B 47 -14.19 -10.98 12.80
C PRO B 47 -12.76 -11.29 13.23
N LEU B 48 -11.94 -11.70 12.27
CA LEU B 48 -10.55 -12.04 12.56
C LEU B 48 -9.74 -10.80 12.94
N LEU B 49 -10.00 -9.71 12.24
CA LEU B 49 -9.30 -8.44 12.51
C LEU B 49 -9.66 -7.98 13.92
N TYR B 50 -10.94 -8.08 14.25
CA TYR B 50 -11.42 -7.67 15.58
C TYR B 50 -10.75 -8.53 16.64
N LEU B 51 -10.74 -9.84 16.43
CA LEU B 51 -10.12 -10.78 17.36
C LEU B 51 -8.64 -10.48 17.57
N LYS B 52 -7.90 -10.29 16.49
CA LYS B 52 -6.48 -9.99 16.61
C LYS B 52 -6.22 -8.67 17.36
N ALA B 53 -7.05 -7.67 17.12
CA ALA B 53 -6.88 -6.40 17.82
C ALA B 53 -7.18 -6.58 19.31
N SER B 54 -8.16 -7.42 19.62
CA SER B 54 -8.55 -7.67 21.01
C SER B 54 -7.45 -8.38 21.79
N LEU B 56 -4.20 -7.81 21.34
CA LEU B 56 -2.98 -6.99 21.38
C LEU B 56 -2.58 -6.63 22.80
N PRO B 57 -1.27 -6.57 23.06
CA PRO B 57 -0.79 -6.21 24.40
C PRO B 57 -0.96 -4.70 24.55
N LYS B 58 -0.93 -4.21 25.79
CA LYS B 58 -1.08 -2.78 26.00
C LYS B 58 0.10 -2.03 25.41
N CYS B 59 -0.19 -0.99 24.62
CA CYS B 59 0.85 -0.19 23.98
C CYS B 59 0.78 1.26 24.46
N GLU B 60 1.91 1.79 24.91
CA GLU B 60 1.97 3.16 25.40
C GLU B 60 2.52 4.15 24.37
N ILE B 62 4.36 7.36 22.91
CA ILE B 62 5.57 8.11 23.27
C ILE B 62 5.26 9.58 23.01
N GLY B 63 4.80 9.88 21.81
CA GLY B 63 4.42 11.24 21.45
C GLY B 63 5.49 12.25 21.11
N ASP B 64 6.68 11.80 20.71
CA ASP B 64 7.75 12.73 20.37
C ASP B 64 7.95 12.93 18.88
N GLU B 65 7.54 11.94 18.09
CA GLU B 65 7.66 12.00 16.63
C GLU B 65 6.32 11.59 16.03
N SER B 66 5.79 12.40 15.13
CA SER B 66 4.52 12.09 14.51
C SER B 66 4.65 11.10 13.36
N PRO B 67 3.87 10.02 13.39
CA PRO B 67 3.92 9.01 12.32
C PRO B 67 3.36 9.62 11.05
N GLU B 68 3.86 9.17 9.90
CA GLU B 68 3.36 9.68 8.63
C GLU B 68 1.90 9.26 8.50
N THR B 69 1.14 9.98 7.68
CA THR B 69 -0.28 9.66 7.50
C THR B 69 -0.51 9.26 6.04
N TYR B 70 -0.69 7.97 5.81
CA TYR B 70 -0.89 7.46 4.46
C TYR B 70 -2.17 7.88 3.75
N VAL B 71 -3.32 7.63 4.37
CA VAL B 71 -4.59 7.93 3.74
C VAL B 71 -4.95 9.40 3.55
N THR B 72 -5.17 9.76 2.29
CA THR B 72 -5.53 11.13 1.93
C THR B 72 -7.03 11.15 1.63
N GLU B 73 -7.58 12.34 1.45
CA GLU B 73 -9.00 12.46 1.14
C GLU B 73 -9.27 11.75 -0.19
N GLU B 74 -8.35 11.89 -1.14
CA GLU B 74 -8.47 11.25 -2.46
C GLU B 74 -8.56 9.73 -2.35
N ILE B 75 -7.63 9.14 -1.60
CA ILE B 75 -7.59 7.69 -1.42
C ILE B 75 -8.85 7.20 -0.74
N TYR B 76 -9.28 7.93 0.28
CA TYR B 76 -10.48 7.59 1.03
C TYR B 76 -11.71 7.59 0.12
N GLU B 77 -11.88 8.67 -0.64
CA GLU B 77 -13.04 8.79 -1.53
C GLU B 77 -13.08 7.75 -2.64
N VAL B 78 -11.93 7.50 -3.27
CA VAL B 78 -11.89 6.52 -4.33
C VAL B 78 -12.32 5.16 -3.79
N LEU B 79 -11.78 4.78 -2.64
CA LEU B 79 -12.12 3.51 -2.02
C LEU B 79 -13.60 3.46 -1.65
N ARG B 80 -14.09 4.52 -1.02
CA ARG B 80 -15.49 4.57 -0.61
C ARG B 80 -16.42 4.41 -1.82
N ILE B 81 -16.11 5.15 -2.89
CA ILE B 81 -16.91 5.08 -4.11
C ILE B 81 -16.91 3.69 -4.73
N ASN B 82 -15.75 3.05 -4.77
CA ASN B 82 -15.65 1.72 -5.35
C ASN B 82 -16.47 0.71 -4.55
N LEU B 83 -16.33 0.73 -3.22
CA LEU B 83 -17.06 -0.20 -2.37
C LEU B 83 -18.57 0.06 -2.49
N ALA B 84 -18.96 1.32 -2.55
CA ALA B 84 -20.36 1.68 -2.68
C ALA B 84 -20.97 1.10 -3.95
N SER B 85 -20.20 1.09 -5.04
CA SER B 85 -20.70 0.56 -6.31
C SER B 85 -20.89 -0.96 -6.25
N ILE B 86 -20.05 -1.63 -5.47
CA ILE B 86 -20.17 -3.08 -5.31
C ILE B 86 -21.46 -3.43 -4.59
N LEU B 87 -21.68 -2.77 -3.45
CA LEU B 87 -22.85 -3.02 -2.62
C LEU B 87 -24.14 -2.53 -3.28
N ALA B 88 -24.03 -1.47 -4.08
CA ALA B 88 -25.17 -0.91 -4.79
C ALA B 88 -26.34 -0.56 -3.86
N GLU B 89 -27.52 -1.13 -4.13
CA GLU B 89 -28.69 -0.83 -3.31
C GLU B 89 -28.68 -1.47 -1.92
N LYS B 90 -27.72 -2.35 -1.67
CA LYS B 90 -27.62 -3.01 -0.36
C LYS B 90 -26.62 -2.31 0.54
N ASP B 91 -26.06 -1.20 0.06
CA ASP B 91 -25.06 -0.45 0.83
C ASP B 91 -25.63 0.29 2.03
N ASP B 92 -26.82 0.84 1.89
CA ASP B 92 -27.44 1.62 2.96
C ASP B 92 -28.23 0.81 3.98
N TYR B 93 -28.25 1.32 5.22
CA TYR B 93 -29.00 0.69 6.29
C TYR B 93 -29.26 1.73 7.38
N LEU B 94 -30.41 1.61 8.05
CA LEU B 94 -30.78 2.55 9.10
C LEU B 94 -30.39 1.98 10.46
N GLU B 95 -29.73 2.80 11.27
CA GLU B 95 -29.32 2.38 12.60
C GLU B 95 -29.75 3.40 13.65
N LYS B 109 -29.41 7.02 8.37
CA LYS B 109 -28.98 6.33 7.16
C LYS B 109 -27.46 6.24 7.11
N LYS B 110 -26.95 5.01 7.21
CA LYS B 110 -25.52 4.76 7.17
C LYS B 110 -25.20 3.93 5.94
N ASN B 111 -23.91 3.85 5.59
CA ASN B 111 -23.51 3.07 4.43
C ASN B 111 -22.35 2.16 4.79
N ILE B 112 -22.46 0.89 4.43
CA ILE B 112 -21.41 -0.07 4.72
C ILE B 112 -20.10 0.42 4.10
N SER B 113 -20.18 0.95 2.87
CA SER B 113 -19.00 1.44 2.18
C SER B 113 -18.25 2.50 3.00
N GLU B 114 -19.00 3.39 3.65
CA GLU B 114 -18.39 4.42 4.48
C GLU B 114 -17.75 3.80 5.72
N ASP B 115 -18.43 2.84 6.33
CA ASP B 115 -17.89 2.18 7.52
C ASP B 115 -16.55 1.52 7.20
N LEU B 116 -16.52 0.78 6.10
CA LEU B 116 -15.31 0.08 5.69
C LEU B 116 -14.17 1.03 5.34
N ALA B 117 -14.51 2.16 4.72
CA ALA B 117 -13.49 3.14 4.37
C ALA B 117 -12.91 3.76 5.65
N ASP B 118 -13.76 3.99 6.65
CA ASP B 118 -13.29 4.56 7.91
C ASP B 118 -12.39 3.59 8.65
N ILE B 119 -12.73 2.30 8.59
CA ILE B 119 -11.93 1.28 9.25
C ILE B 119 -10.59 1.18 8.52
N TYR B 120 -10.65 1.22 7.19
CA TYR B 120 -9.45 1.15 6.35
C TYR B 120 -8.48 2.27 6.71
N GLN B 121 -9.04 3.47 6.93
CA GLN B 121 -8.22 4.62 7.27
C GLN B 121 -7.33 4.33 8.47
N ASP B 122 -7.91 3.79 9.54
CA ASP B 122 -7.12 3.48 10.73
C ASP B 122 -6.16 2.33 10.49
N ILE B 123 -6.63 1.24 9.89
CA ILE B 123 -5.78 0.09 9.66
C ILE B 123 -4.64 0.39 8.69
N LYS B 124 -4.94 1.04 7.56
CA LYS B 124 -3.92 1.35 6.58
C LYS B 124 -2.86 2.30 7.12
N ASP B 125 -3.29 3.35 7.83
CA ASP B 125 -2.35 4.31 8.40
C ASP B 125 -1.38 3.62 9.34
N PHE B 126 -1.88 2.61 10.04
CA PHE B 126 -1.06 1.85 10.97
C PHE B 126 -0.01 0.96 10.29
N ILE B 127 -0.46 0.06 9.43
CA ILE B 127 0.49 -0.85 8.80
C ILE B 127 1.51 -0.17 7.88
N PHE B 128 1.14 0.97 7.30
CA PHE B 128 2.09 1.67 6.44
C PHE B 128 3.31 2.08 7.26
N VAL B 129 3.06 2.74 8.38
CA VAL B 129 4.12 3.21 9.26
C VAL B 129 4.87 2.05 9.89
N PHE B 130 4.16 1.00 10.27
CA PHE B 130 4.81 -0.15 10.88
C PHE B 130 5.89 -0.72 9.95
N GLN B 131 5.65 -0.66 8.64
CA GLN B 131 6.63 -1.19 7.69
C GLN B 131 7.86 -0.30 7.49
N LEU B 132 7.75 0.97 7.84
CA LEU B 132 8.89 1.89 7.68
C LEU B 132 10.10 1.57 8.56
N GLY B 133 9.91 0.69 9.53
CA GLY B 133 11.01 0.26 10.38
C GLY B 133 11.60 1.16 11.45
N LEU B 134 10.95 2.26 11.79
CA LEU B 134 11.48 3.13 12.84
C LEU B 134 10.75 2.74 14.12
N ASN B 135 11.47 2.12 15.06
CA ASN B 135 10.89 1.66 16.32
C ASN B 135 9.94 2.64 17.01
N GLU B 136 10.36 3.90 17.11
CA GLU B 136 9.54 4.90 17.78
C GLU B 136 8.18 5.13 17.11
N THR B 137 8.15 5.28 15.79
CA THR B 137 6.88 5.48 15.10
C THR B 137 6.12 4.17 14.94
N ASN B 139 5.93 1.97 17.21
CA ASN B 139 5.26 1.91 18.50
C ASN B 139 4.08 2.86 18.60
N ASP B 140 4.27 4.10 18.16
CA ASP B 140 3.19 5.07 18.24
C ASP B 140 2.08 4.81 17.23
N SER B 141 2.42 4.25 16.07
CA SER B 141 1.40 3.95 15.08
C SER B 141 0.50 2.85 15.65
N LEU B 142 1.11 1.91 16.38
CA LEU B 142 0.36 0.82 17.00
C LEU B 142 -0.51 1.39 18.12
N ALA B 143 0.07 2.28 18.93
CA ALA B 143 -0.66 2.89 20.04
C ALA B 143 -1.87 3.66 19.54
N ILE B 144 -1.68 4.39 18.45
CA ILE B 144 -2.76 5.17 17.85
C ILE B 144 -3.86 4.23 17.38
N CYS B 145 -3.46 3.15 16.71
CA CYS B 145 -4.44 2.18 16.20
C CYS B 145 -5.22 1.56 17.36
N GLN B 146 -4.51 1.23 18.44
CA GLN B 146 -5.15 0.62 19.59
C GLN B 146 -6.08 1.60 20.30
N GLU B 147 -5.64 2.85 20.40
CA GLU B 147 -6.44 3.89 21.04
C GLU B 147 -7.73 4.16 20.27
N ASN B 148 -7.67 4.09 18.95
CA ASN B 148 -8.83 4.34 18.09
C ASN B 148 -9.78 3.15 17.95
N PHE B 149 -9.32 1.97 18.38
CA PHE B 149 -10.13 0.75 18.31
C PHE B 149 -11.47 0.89 19.04
N GLY B 150 -11.40 1.24 20.32
CA GLY B 150 -12.61 1.38 21.12
C GLY B 150 -13.80 2.16 20.58
N LEU B 151 -13.62 3.45 20.33
CA LEU B 151 -14.71 4.29 19.87
C LEU B 151 -14.72 4.63 18.39
N LEU B 152 -13.68 4.27 17.66
CA LEU B 152 -13.65 4.56 16.24
C LEU B 152 -13.77 3.32 15.35
N TRP B 153 -12.65 2.78 14.87
CA TRP B 153 -12.76 1.64 13.96
C TRP B 153 -13.31 0.32 14.53
N GLY B 154 -13.05 0.03 15.80
CA GLY B 154 -13.58 -1.19 16.38
C GLY B 154 -15.09 -1.11 16.46
N GLN B 155 -15.57 0.08 16.81
CA GLN B 155 -17.00 0.36 16.93
C GLN B 155 -17.67 0.22 15.56
N LYS B 156 -17.04 0.82 14.54
CA LYS B 156 -17.60 0.74 13.19
C LYS B 156 -17.57 -0.70 12.69
N LEU B 157 -16.56 -1.44 13.10
CA LEU B 157 -16.44 -2.84 12.68
C LEU B 157 -17.63 -3.66 13.17
N VAL B 158 -17.92 -3.61 14.46
CA VAL B 158 -19.04 -4.38 14.98
C VAL B 158 -20.38 -3.91 14.42
N ASN B 159 -20.52 -2.60 14.18
CA ASN B 159 -21.78 -2.10 13.62
C ASN B 159 -21.91 -2.58 12.19
N THR B 160 -20.80 -2.54 11.45
CA THR B 160 -20.75 -2.95 10.05
C THR B 160 -21.05 -4.43 9.86
N ARG B 162 -23.06 -6.22 11.52
CA ARG B 162 -24.50 -6.44 11.60
C ARG B 162 -25.14 -6.19 10.25
N ALA B 163 -24.78 -5.07 9.63
CA ALA B 163 -25.32 -4.70 8.32
C ALA B 163 -24.95 -5.72 7.25
N LEU B 164 -23.68 -6.15 7.23
CA LEU B 164 -23.22 -7.13 6.25
C LEU B 164 -23.89 -8.49 6.43
N HIS B 165 -24.04 -8.91 7.68
CA HIS B 165 -24.69 -10.18 7.97
C HIS B 165 -26.13 -10.11 7.45
N ASP B 166 -26.76 -8.97 7.66
CA ASP B 166 -28.13 -8.77 7.20
C ASP B 166 -28.21 -8.87 5.68
N VAL B 167 -27.23 -8.27 5.01
CA VAL B 167 -27.20 -8.31 3.55
C VAL B 167 -27.12 -9.75 3.05
N LYS B 168 -26.29 -10.55 3.70
CA LYS B 168 -26.13 -11.93 3.28
C LYS B 168 -27.28 -12.87 3.65
N TYR B 169 -27.78 -12.75 4.88
CA TYR B 169 -28.84 -13.66 5.37
C TYR B 169 -30.25 -13.11 5.56
N SER B 170 -30.40 -11.81 5.77
CA SER B 170 -31.72 -11.24 6.01
C SER B 170 -32.55 -11.11 4.74
#